data_1PQ8
#
_entry.id   1PQ8
#
_cell.length_a   32.930
_cell.length_b   36.887
_cell.length_c   39.744
_cell.angle_alpha   102.67
_cell.angle_beta   104.66
_cell.angle_gamma   102.61
#
_symmetry.space_group_name_H-M   'P 1'
#
loop_
_entity.id
_entity.type
_entity.pdbx_description
1 polymer Trypsin
2 polymer 'GLY-GLY-ARG PEPTIDE'
3 non-polymer 'SULFATE ION'
4 non-polymer LYSINE
5 non-polymer 'CITRIC ACID'
6 water water
#
loop_
_entity_poly.entity_id
_entity_poly.type
_entity_poly.pdbx_seq_one_letter_code
_entity_poly.pdbx_strand_id
1 'polypeptide(L)'
;IVGGTSASAGDFPFIVSISRNGGPWCGGSLLNANTVLTAAHCVSGYAQSGFQIRAGSLSRTSGGITSSLSSVRVHPSYSG
NNNDLAILKLSTSIPSGGNIGYARLAASGSDPVAGSSATVAGWGATSEGGSSTPVNLLKVTVPIVSRATCRAQYGTSAIT
NQMFCAGVSSGGKDSCQGDSGGPIVDSSNTLIGAVSWGNGCARPNYSGVYASVGALRSFIDTYA
;
A
2 'polypeptide(L)' GGR C
#
# COMPACT_ATOMS: atom_id res chain seq x y z
N ILE A 1 -6.38 -8.60 -0.09
CA ILE A 1 -6.49 -8.70 1.38
C ILE A 1 -7.03 -10.05 1.76
N VAL A 2 -6.31 -10.75 2.68
CA VAL A 2 -6.72 -12.03 3.19
C VAL A 2 -7.28 -11.83 4.58
N GLY A 3 -8.43 -12.43 4.87
CA GLY A 3 -9.06 -12.32 6.16
C GLY A 3 -9.71 -10.99 6.42
N GLY A 4 -10.07 -10.29 5.35
N GLY A 4 -10.05 -10.13 5.46
CA GLY A 4 -10.58 -8.94 5.42
CA GLY A 4 -10.53 -8.85 5.94
C GLY A 4 -12.11 -8.82 5.43
C GLY A 4 -12.06 -8.76 5.88
N THR A 5 -12.50 -7.54 5.61
CA THR A 5 -13.91 -7.15 5.57
C THR A 5 -14.07 -5.98 4.65
N SER A 6 -15.28 -5.73 4.21
CA SER A 6 -15.48 -4.61 3.27
C SER A 6 -15.25 -3.30 3.95
N ALA A 7 -14.49 -2.42 3.28
CA ALA A 7 -14.32 -1.06 3.69
C ALA A 7 -15.65 -0.30 3.47
N SER A 8 -15.92 0.62 4.34
CA SER A 8 -17.06 1.51 4.22
C SER A 8 -16.67 2.74 3.42
N ALA A 9 -17.61 3.44 2.82
N ALA A 9 -17.67 3.38 2.84
CA ALA A 9 -17.39 4.68 2.10
CA ALA A 9 -17.45 4.64 2.17
C ALA A 9 -16.68 5.69 3.00
C ALA A 9 -16.90 5.63 3.20
N GLY A 10 -15.70 6.39 2.45
N GLY A 10 -15.82 6.27 2.79
CA GLY A 10 -15.13 7.40 3.35
CA GLY A 10 -15.05 7.23 3.56
C GLY A 10 -14.14 6.81 4.33
C GLY A 10 -14.03 6.68 4.53
N ASP A 11 -14.02 5.47 4.35
N ASP A 11 -13.83 5.35 4.54
CA ASP A 11 -12.85 4.82 4.92
CA ASP A 11 -12.84 4.80 5.47
C ASP A 11 -11.73 5.14 3.92
C ASP A 11 -11.43 5.29 5.18
N PHE A 12 -10.54 5.39 4.44
N PHE A 12 -11.09 5.41 3.90
CA PHE A 12 -9.39 5.72 3.60
CA PHE A 12 -9.75 5.79 3.49
C PHE A 12 -9.70 6.76 2.51
C PHE A 12 -9.93 6.77 2.33
N PRO A 13 -10.19 8.02 2.70
CA PRO A 13 -10.57 8.95 1.66
C PRO A 13 -9.51 9.16 0.59
N PHE A 14 -8.26 8.88 0.96
CA PHE A 14 -7.11 9.11 0.11
C PHE A 14 -6.78 7.87 -0.72
N ILE A 15 -7.44 6.73 -0.52
CA ILE A 15 -6.95 5.52 -1.26
C ILE A 15 -7.30 5.64 -2.71
N VAL A 16 -6.35 5.19 -3.55
CA VAL A 16 -6.57 5.09 -4.97
C VAL A 16 -6.31 3.62 -5.38
N SER A 17 -7.08 3.24 -6.40
N SER A 17 -7.09 3.10 -6.32
CA SER A 17 -6.69 2.03 -7.13
CA SER A 17 -6.78 1.84 -7.01
C SER A 17 -5.78 2.44 -8.29
C SER A 17 -5.97 2.19 -8.27
N ILE A 18 -4.88 1.51 -8.60
CA ILE A 18 -3.99 1.69 -9.71
C ILE A 18 -4.18 0.48 -10.63
N SER A 19 -4.86 0.70 -11.76
CA SER A 19 -5.01 -0.31 -12.80
C SER A 19 -3.83 -0.22 -13.73
N ARG A 20 -3.53 -1.36 -14.36
CA ARG A 20 -2.47 -1.41 -15.38
C ARG A 20 -3.03 -2.20 -16.53
N ASN A 21 -2.92 -1.63 -17.74
CA ASN A 21 -3.46 -2.30 -18.95
C ASN A 21 -4.94 -2.66 -18.75
N GLY A 22 -5.66 -1.88 -18.00
CA GLY A 22 -7.10 -2.02 -17.78
C GLY A 22 -7.44 -3.00 -16.67
N GLY A 23 -6.48 -3.68 -16.05
CA GLY A 23 -6.77 -4.68 -15.09
C GLY A 23 -6.22 -4.31 -13.73
N PRO A 24 -6.55 -5.12 -12.73
N PRO A 24 -6.54 -5.13 -12.72
CA PRO A 24 -6.10 -4.81 -11.38
CA PRO A 24 -6.09 -4.92 -11.35
C PRO A 24 -4.56 -4.90 -11.36
C PRO A 24 -4.57 -5.05 -11.20
N TRP A 25 -3.99 -4.09 -10.46
CA TRP A 25 -2.53 -4.08 -10.35
C TRP A 25 -2.07 -3.74 -8.96
N CYS A 26 -2.23 -2.48 -8.52
N CYS A 26 -2.46 -2.55 -8.48
CA CYS A 26 -1.75 -2.00 -7.25
CA CYS A 26 -2.03 -2.22 -7.12
C CYS A 26 -2.73 -1.01 -6.64
C CYS A 26 -2.93 -1.15 -6.53
N GLY A 27 -2.44 -0.57 -5.42
CA GLY A 27 -3.09 0.53 -4.75
C GLY A 27 -2.13 1.67 -4.57
N GLY A 28 -2.63 2.78 -4.00
CA GLY A 28 -1.82 3.90 -3.68
C GLY A 28 -2.58 4.86 -2.75
N SER A 29 -1.92 5.96 -2.44
CA SER A 29 -2.45 6.96 -1.52
C SER A 29 -2.32 8.35 -2.12
N LEU A 30 -3.43 9.07 -2.17
CA LEU A 30 -3.48 10.43 -2.74
C LEU A 30 -2.89 11.38 -1.67
N LEU A 31 -1.79 12.03 -1.99
CA LEU A 31 -1.10 12.93 -1.09
C LEU A 31 -1.58 14.38 -1.19
N ASN A 32 -1.99 14.75 -2.39
CA ASN A 32 -2.45 16.10 -2.73
C ASN A 32 -3.09 15.95 -4.10
N ALA A 33 -3.57 17.07 -4.67
CA ALA A 33 -4.39 16.98 -5.86
C ALA A 33 -3.69 16.31 -7.04
N ASN A 34 -2.36 16.38 -7.10
CA ASN A 34 -1.69 15.82 -8.29
C ASN A 34 -0.68 14.74 -7.97
N THR A 35 -0.74 14.15 -6.77
CA THR A 35 0.35 13.27 -6.32
C THR A 35 -0.20 12.03 -5.65
N VAL A 36 0.30 10.89 -6.09
CA VAL A 36 0.01 9.58 -5.45
C VAL A 36 1.32 8.98 -4.98
N LEU A 37 1.26 8.39 -3.78
CA LEU A 37 2.33 7.56 -3.24
C LEU A 37 1.96 6.11 -3.44
N THR A 38 2.86 5.31 -4.01
N THR A 38 2.99 5.40 -3.94
CA THR A 38 2.62 3.87 -4.18
CA THR A 38 2.97 3.96 -4.01
C THR A 38 3.96 3.19 -3.92
C THR A 38 4.27 3.20 -3.87
N ALA A 39 4.05 1.87 -4.07
CA ALA A 39 5.28 1.10 -4.02
C ALA A 39 6.05 1.30 -5.28
N ALA A 40 7.37 1.42 -5.19
CA ALA A 40 8.20 1.49 -6.37
C ALA A 40 8.02 0.29 -7.26
N HIS A 41 7.91 -0.89 -6.70
CA HIS A 41 7.86 -2.08 -7.57
C HIS A 41 6.61 -2.10 -8.41
N CYS A 42 5.54 -1.37 -8.03
CA CYS A 42 4.34 -1.29 -8.83
C CYS A 42 4.57 -0.57 -10.17
N VAL A 43 5.53 0.31 -10.24
CA VAL A 43 5.67 1.20 -11.37
C VAL A 43 7.05 1.21 -12.00
N SER A 44 8.10 0.83 -11.29
N SER A 44 8.10 0.80 -11.28
CA SER A 44 9.48 1.06 -11.76
CA SER A 44 9.44 0.91 -11.82
C SER A 44 9.75 0.40 -13.07
C SER A 44 9.55 0.03 -13.09
N GLY A 45 10.09 1.22 -14.06
N GLY A 45 10.03 0.60 -14.17
CA GLY A 45 10.48 0.75 -15.35
CA GLY A 45 10.44 0.23 -15.51
C GLY A 45 9.38 0.32 -16.27
C GLY A 45 9.27 -0.33 -16.29
N TYR A 46 8.12 0.19 -15.84
CA TYR A 46 6.98 -0.16 -16.69
C TYR A 46 6.56 1.03 -17.49
N ALA A 47 5.90 0.80 -18.62
CA ALA A 47 5.37 1.88 -19.46
C ALA A 47 4.35 2.67 -18.61
N GLN A 48 4.56 3.96 -18.47
N GLN A 48 4.66 3.94 -18.40
CA GLN A 48 3.69 4.82 -17.64
CA GLN A 48 3.79 4.72 -17.50
C GLN A 48 2.27 4.84 -18.14
C GLN A 48 2.43 4.95 -18.15
N SER A 49 2.19 4.84 -19.46
CA SER A 49 0.87 4.97 -20.07
C SER A 49 -0.06 3.84 -19.74
N GLY A 50 0.42 2.75 -19.21
CA GLY A 50 -0.43 1.61 -18.90
C GLY A 50 -1.26 1.85 -17.63
N PHE A 51 -0.93 2.85 -16.82
CA PHE A 51 -1.52 2.99 -15.51
C PHE A 51 -2.71 3.96 -15.54
N GLN A 52 -3.72 3.65 -14.74
CA GLN A 52 -4.83 4.55 -14.49
C GLN A 52 -5.13 4.54 -12.99
N ILE A 53 -5.18 5.73 -12.40
CA ILE A 53 -5.51 5.93 -11.00
C ILE A 53 -7.00 6.22 -10.90
N ARG A 54 -7.64 5.69 -9.86
CA ARG A 54 -9.01 6.07 -9.56
C ARG A 54 -9.09 6.36 -8.05
N ALA A 55 -9.69 7.52 -7.75
CA ALA A 55 -9.91 8.01 -6.41
C ALA A 55 -11.41 8.12 -6.13
N GLY A 56 -11.80 8.04 -4.86
CA GLY A 56 -13.16 8.36 -4.48
C GLY A 56 -14.13 7.25 -4.72
N SER A 57 -13.69 6.01 -4.89
CA SER A 57 -14.58 4.90 -5.10
C SER A 57 -14.14 3.69 -4.27
N LEU A 58 -15.11 2.92 -3.89
CA LEU A 58 -14.83 1.59 -3.32
C LEU A 58 -14.51 0.57 -4.38
N SER A 59 -14.81 0.82 -5.64
CA SER A 59 -14.46 -0.05 -6.73
C SER A 59 -13.26 0.46 -7.50
N ARG A 60 -12.54 -0.32 -8.32
N ARG A 60 -12.60 -0.52 -8.13
CA ARG A 60 -11.44 0.08 -9.19
CA ARG A 60 -11.49 -0.18 -9.02
C ARG A 60 -11.95 0.51 -10.58
C ARG A 60 -11.94 0.29 -10.40
N THR A 61 -13.16 0.02 -10.85
CA THR A 61 -13.57 0.10 -12.26
C THR A 61 -14.69 1.08 -12.54
N SER A 62 -15.25 1.69 -11.54
CA SER A 62 -16.22 2.75 -11.79
C SER A 62 -16.26 3.68 -10.58
N GLY A 63 -16.89 4.86 -10.77
CA GLY A 63 -17.07 5.83 -9.70
C GLY A 63 -15.85 6.68 -9.50
N GLY A 64 -16.04 7.74 -8.72
CA GLY A 64 -14.95 8.55 -8.40
C GLY A 64 -14.36 9.28 -9.60
N ILE A 65 -13.07 9.52 -9.51
CA ILE A 65 -12.37 10.41 -10.43
C ILE A 65 -11.11 9.65 -10.88
N THR A 66 -10.85 9.59 -12.18
CA THR A 66 -9.67 8.94 -12.71
C THR A 66 -8.62 9.92 -13.19
N SER A 67 -7.40 9.42 -13.26
CA SER A 67 -6.31 10.12 -13.89
C SER A 67 -5.29 9.16 -14.48
N SER A 68 -4.68 9.60 -15.59
CA SER A 68 -3.46 9.00 -16.07
C SER A 68 -2.27 9.61 -15.36
N LEU A 69 -1.09 9.11 -15.67
CA LEU A 69 0.14 9.58 -15.05
C LEU A 69 0.90 10.56 -15.95
N SER A 70 1.44 11.59 -15.31
CA SER A 70 2.36 12.50 -15.98
C SER A 70 3.81 12.13 -15.73
N SER A 71 4.16 11.60 -14.55
CA SER A 71 5.52 11.19 -14.27
C SER A 71 5.54 10.20 -13.12
N VAL A 72 6.67 9.54 -13.02
CA VAL A 72 6.96 8.53 -11.99
C VAL A 72 8.35 8.81 -11.45
N ARG A 73 8.49 8.81 -10.13
CA ARG A 73 9.79 8.99 -9.49
C ARG A 73 9.92 7.93 -8.40
N VAL A 74 10.85 7.00 -8.55
CA VAL A 74 11.12 6.04 -7.48
C VAL A 74 12.07 6.63 -6.47
N HIS A 75 12.04 6.10 -5.26
CA HIS A 75 12.99 6.52 -4.24
C HIS A 75 14.40 6.41 -4.78
N PRO A 76 15.25 7.38 -4.52
CA PRO A 76 16.62 7.37 -5.08
C PRO A 76 17.48 6.21 -4.63
N SER A 77 17.18 5.49 -3.66
CA SER A 77 17.82 4.39 -3.01
C SER A 77 17.03 3.11 -3.12
N TYR A 78 16.00 3.08 -3.99
CA TYR A 78 15.26 1.85 -4.28
C TYR A 78 16.20 0.79 -4.77
N SER A 79 16.15 -0.40 -4.20
CA SER A 79 17.05 -1.50 -4.55
C SER A 79 16.48 -2.78 -4.01
N GLY A 80 16.23 -3.76 -4.85
CA GLY A 80 15.57 -4.97 -4.37
C GLY A 80 14.21 -4.60 -3.79
N ASN A 81 13.93 -5.09 -2.59
CA ASN A 81 12.74 -4.71 -1.86
C ASN A 81 12.89 -3.44 -1.02
N ASN A 82 14.09 -2.92 -0.97
CA ASN A 82 14.42 -1.84 -0.07
C ASN A 82 14.00 -0.49 -0.66
N ASN A 83 13.44 0.35 0.20
CA ASN A 83 13.06 1.72 -0.14
C ASN A 83 12.00 1.72 -1.25
N ASP A 84 10.98 0.90 -1.02
CA ASP A 84 9.98 0.55 -2.03
C ASP A 84 8.83 1.54 -2.09
N LEU A 85 9.19 2.80 -2.43
CA LEU A 85 8.20 3.85 -2.60
C LEU A 85 8.46 4.59 -3.92
N ALA A 86 7.38 5.10 -4.47
CA ALA A 86 7.42 5.94 -5.66
C ALA A 86 6.35 7.04 -5.52
N ILE A 87 6.69 8.18 -6.09
CA ILE A 87 5.83 9.33 -6.24
C ILE A 87 5.35 9.41 -7.67
N LEU A 88 4.05 9.41 -7.84
CA LEU A 88 3.40 9.52 -9.14
C LEU A 88 2.78 10.92 -9.23
N LYS A 89 2.99 11.57 -10.37
CA LYS A 89 2.27 12.82 -10.65
C LYS A 89 1.16 12.51 -11.63
N LEU A 90 0.01 13.13 -11.36
CA LEU A 90 -1.20 12.88 -12.09
C LEU A 90 -1.41 13.89 -13.23
N SER A 91 -1.86 13.38 -14.35
CA SER A 91 -2.26 14.24 -15.46
C SER A 91 -3.50 15.08 -15.18
N THR A 92 -4.40 14.62 -14.34
CA THR A 92 -5.64 15.24 -14.00
C THR A 92 -5.62 15.46 -12.49
N SER A 93 -5.76 16.67 -12.03
CA SER A 93 -5.81 16.98 -10.62
C SER A 93 -7.11 16.51 -10.01
N ILE A 94 -7.04 15.99 -8.77
CA ILE A 94 -8.18 15.41 -8.10
C ILE A 94 -8.48 16.21 -6.83
N PRO A 95 -9.62 16.88 -6.79
CA PRO A 95 -9.93 17.74 -5.64
C PRO A 95 -10.41 16.92 -4.47
N SER A 96 -10.10 17.41 -3.27
CA SER A 96 -10.63 16.82 -2.05
C SER A 96 -12.09 17.30 -1.89
N GLY A 97 -12.84 16.49 -1.17
CA GLY A 97 -14.24 16.71 -0.95
C GLY A 97 -15.02 15.43 -1.10
N GLY A 98 -16.13 15.35 -0.38
CA GLY A 98 -16.91 14.10 -0.49
C GLY A 98 -16.08 12.96 0.09
N ASN A 99 -16.07 11.85 -0.62
CA ASN A 99 -15.30 10.71 -0.16
C ASN A 99 -13.86 10.71 -0.65
N ILE A 100 -13.38 11.84 -1.20
CA ILE A 100 -11.96 12.01 -1.52
C ILE A 100 -11.33 12.93 -0.51
N GLY A 101 -10.15 12.54 -0.01
CA GLY A 101 -9.34 13.39 0.83
C GLY A 101 -7.88 13.02 0.61
N TYR A 102 -6.99 13.77 1.24
CA TYR A 102 -5.58 13.54 1.13
C TYR A 102 -5.04 12.93 2.42
N ALA A 103 -4.00 12.11 2.26
CA ALA A 103 -3.45 11.36 3.38
C ALA A 103 -2.74 12.29 4.35
N ARG A 104 -2.90 11.98 5.63
CA ARG A 104 -2.00 12.52 6.65
C ARG A 104 -0.95 11.49 6.88
N LEU A 105 0.27 11.91 6.91
CA LEU A 105 1.46 11.02 6.98
C LEU A 105 2.02 10.87 8.37
N ALA A 106 2.52 9.68 8.63
CA ALA A 106 3.23 9.38 9.87
C ALA A 106 4.38 10.36 9.97
N ALA A 107 4.64 10.79 11.23
CA ALA A 107 5.71 11.74 11.46
C ALA A 107 7.04 11.24 11.00
N SER A 108 7.87 12.17 10.53
CA SER A 108 9.22 11.82 10.18
C SER A 108 9.93 11.21 11.39
N GLY A 109 10.59 10.05 11.15
CA GLY A 109 11.38 9.39 12.21
C GLY A 109 10.51 8.48 13.02
N SER A 110 9.22 8.41 12.86
CA SER A 110 8.39 7.53 13.64
C SER A 110 8.60 6.11 13.09
N ASP A 111 8.27 5.17 13.97
CA ASP A 111 8.41 3.74 13.67
C ASP A 111 7.26 3.03 14.34
N PRO A 112 6.40 2.33 13.66
CA PRO A 112 5.24 1.72 14.38
C PRO A 112 5.66 0.83 15.47
N VAL A 113 5.02 0.98 16.64
CA VAL A 113 5.36 0.21 17.82
C VAL A 113 4.79 -1.18 17.72
N ALA A 114 5.67 -2.16 18.08
CA ALA A 114 5.28 -3.54 18.07
C ALA A 114 4.00 -3.72 18.92
N GLY A 115 3.03 -4.45 18.37
CA GLY A 115 1.79 -4.74 19.06
C GLY A 115 0.69 -3.71 18.80
N SER A 116 1.06 -2.54 18.29
CA SER A 116 0.00 -1.58 17.98
C SER A 116 -0.81 -2.05 16.79
N SER A 117 -2.02 -1.50 16.65
CA SER A 117 -2.91 -2.04 15.66
C SER A 117 -2.84 -1.21 14.37
N ALA A 118 -2.74 -1.86 13.26
CA ALA A 118 -2.67 -1.20 11.95
C ALA A 118 -3.74 -1.81 11.08
N THR A 119 -4.20 -1.00 10.09
CA THR A 119 -5.19 -1.46 9.17
C THR A 119 -4.68 -1.27 7.75
N VAL A 120 -4.80 -2.29 6.93
CA VAL A 120 -4.32 -2.28 5.55
C VAL A 120 -5.52 -2.51 4.66
N ALA A 121 -5.49 -1.93 3.45
CA ALA A 121 -6.64 -2.02 2.55
C ALA A 121 -6.20 -2.21 1.12
N GLY A 122 -7.03 -2.89 0.34
CA GLY A 122 -6.76 -2.98 -1.07
C GLY A 122 -7.73 -3.88 -1.80
N TRP A 123 -7.48 -3.99 -3.09
CA TRP A 123 -8.27 -4.74 -4.03
C TRP A 123 -7.54 -6.00 -4.52
N GLY A 124 -6.56 -6.46 -3.74
CA GLY A 124 -5.81 -7.65 -4.11
C GLY A 124 -6.52 -8.92 -3.79
N ALA A 125 -5.83 -10.02 -4.06
CA ALA A 125 -6.41 -11.35 -3.90
C ALA A 125 -6.75 -11.61 -2.43
N THR A 126 -7.81 -12.41 -2.22
N THR A 126 -7.66 -12.54 -2.31
CA THR A 126 -8.41 -12.74 -0.94
CA THR A 126 -8.08 -12.99 -1.00
C THR A 126 -7.93 -14.13 -0.40
C THR A 126 -7.46 -14.33 -0.55
N SER A 127 -7.02 -14.81 -1.11
N SER A 127 -6.60 -14.85 -1.39
CA SER A 127 -6.23 -16.05 -0.90
CA SER A 127 -5.74 -15.97 -1.04
C SER A 127 -4.79 -16.07 -1.52
C SER A 127 -4.46 -15.86 -1.83
N GLU A 128 -3.49 -16.54 -1.20
CA GLU A 128 -2.22 -16.56 -1.89
C GLU A 128 -2.45 -17.16 -3.28
N GLY A 129 -1.95 -16.47 -4.27
CA GLY A 129 -2.03 -17.05 -5.60
C GLY A 129 -3.43 -17.02 -6.20
N GLY A 130 -4.41 -16.35 -5.53
CA GLY A 130 -5.73 -16.29 -6.08
C GLY A 130 -5.68 -15.54 -7.38
N SER A 131 -6.54 -15.90 -8.30
CA SER A 131 -6.61 -15.27 -9.59
C SER A 131 -7.71 -14.23 -9.69
N SER A 132 -8.70 -14.33 -8.82
CA SER A 132 -9.81 -13.39 -8.78
C SER A 132 -9.57 -12.36 -7.71
N THR A 133 -10.21 -11.24 -7.90
CA THR A 133 -10.02 -10.13 -6.98
C THR A 133 -11.40 -9.55 -6.70
N PRO A 134 -11.59 -8.97 -5.55
CA PRO A 134 -12.88 -8.38 -5.22
C PRO A 134 -13.09 -7.08 -5.98
N VAL A 135 -14.40 -6.81 -6.23
CA VAL A 135 -14.76 -5.54 -6.85
C VAL A 135 -14.56 -4.39 -5.90
N ASN A 136 -15.05 -4.55 -4.67
CA ASN A 136 -14.98 -3.47 -3.69
C ASN A 136 -13.88 -3.71 -2.67
N LEU A 137 -13.37 -2.61 -2.20
CA LEU A 137 -12.22 -2.51 -1.32
C LEU A 137 -12.41 -3.32 -0.04
N LEU A 138 -11.38 -4.06 0.33
CA LEU A 138 -11.33 -4.78 1.57
C LEU A 138 -10.30 -4.15 2.49
N LYS A 139 -10.43 -4.41 3.80
CA LYS A 139 -9.47 -3.97 4.78
C LYS A 139 -9.33 -5.08 5.84
N VAL A 140 -8.19 -5.04 6.51
CA VAL A 140 -7.95 -5.96 7.62
C VAL A 140 -7.04 -5.27 8.61
N THR A 141 -7.25 -5.60 9.91
CA THR A 141 -6.49 -5.03 10.99
C THR A 141 -5.56 -6.11 11.55
N VAL A 142 -4.29 -5.74 11.65
CA VAL A 142 -3.25 -6.65 12.13
C VAL A 142 -2.29 -5.89 13.00
N PRO A 143 -1.65 -6.55 13.97
CA PRO A 143 -0.68 -5.87 14.81
C PRO A 143 0.67 -5.69 14.13
N ILE A 144 1.36 -4.65 14.52
CA ILE A 144 2.74 -4.48 14.14
C ILE A 144 3.60 -5.57 14.78
N VAL A 145 4.51 -6.13 14.02
CA VAL A 145 5.50 -7.10 14.46
C VAL A 145 6.83 -6.40 14.57
N SER A 146 7.46 -6.62 15.73
N SER A 146 7.68 -6.53 15.59
CA SER A 146 8.76 -6.00 15.91
CA SER A 146 8.94 -5.78 15.70
C SER A 146 9.72 -6.32 14.75
C SER A 146 9.97 -6.06 14.61
N ARG A 147 10.57 -5.35 14.44
N ARG A 147 10.84 -5.09 14.33
CA ARG A 147 11.56 -5.56 13.40
CA ARG A 147 11.86 -5.31 13.31
C ARG A 147 12.48 -6.73 13.78
C ARG A 147 12.74 -6.50 13.67
N ALA A 148 12.82 -6.86 15.06
N ALA A 148 12.99 -6.72 14.95
CA ALA A 148 13.66 -7.98 15.51
CA ALA A 148 13.74 -7.89 15.39
C ALA A 148 13.03 -9.31 15.15
C ALA A 148 13.01 -9.20 15.14
N THR A 149 11.73 -9.41 15.43
CA THR A 149 11.04 -10.64 15.10
C THR A 149 10.99 -10.82 13.62
N CYS A 150 10.69 -9.72 12.91
N CYS A 150 10.77 -9.78 12.81
CA CYS A 150 10.63 -9.78 11.46
CA CYS A 150 10.66 -10.15 11.40
C CYS A 150 11.97 -10.25 10.86
C CYS A 150 12.03 -10.33 10.77
N ARG A 151 13.08 -9.77 11.37
CA ARG A 151 14.41 -10.23 10.95
C ARG A 151 14.69 -11.69 11.32
N ALA A 152 14.10 -12.17 12.38
CA ALA A 152 14.20 -13.60 12.68
C ALA A 152 13.42 -14.40 11.65
N GLN A 153 12.30 -13.89 11.13
CA GLN A 153 11.57 -14.59 10.08
C GLN A 153 12.26 -14.58 8.72
N TYR A 154 12.78 -13.40 8.33
CA TYR A 154 13.27 -13.20 6.98
C TYR A 154 14.77 -13.11 6.82
N GLY A 155 15.48 -12.86 7.90
CA GLY A 155 16.92 -12.64 7.86
C GLY A 155 17.21 -11.22 8.23
N THR A 156 18.38 -11.03 8.83
CA THR A 156 18.79 -9.72 9.32
C THR A 156 18.90 -8.66 8.25
N SER A 157 19.54 -8.98 7.14
CA SER A 157 19.73 -8.03 6.06
C SER A 157 18.45 -7.74 5.30
N ALA A 158 17.56 -8.70 5.31
CA ALA A 158 16.35 -8.60 4.48
C ALA A 158 15.37 -7.53 4.96
N ILE A 159 15.32 -7.26 6.24
CA ILE A 159 14.45 -6.24 6.83
C ILE A 159 15.30 -5.06 7.21
N THR A 160 15.05 -3.90 6.62
CA THR A 160 15.83 -2.72 6.84
C THR A 160 15.07 -1.73 7.71
N ASN A 161 15.78 -0.65 8.05
CA ASN A 161 15.19 0.43 8.81
C ASN A 161 14.15 1.23 8.01
N GLN A 162 13.97 0.96 6.76
CA GLN A 162 12.93 1.56 5.91
C GLN A 162 11.76 0.63 5.66
N MET A 163 11.69 -0.47 6.42
CA MET A 163 10.59 -1.41 6.36
C MET A 163 10.03 -1.59 7.76
N PHE A 164 8.76 -1.89 7.87
CA PHE A 164 8.23 -2.42 9.12
C PHE A 164 7.32 -3.59 8.77
N CYS A 165 6.96 -4.36 9.79
CA CYS A 165 6.24 -5.58 9.60
C CYS A 165 4.92 -5.59 10.35
N ALA A 166 3.97 -6.38 9.85
CA ALA A 166 2.70 -6.51 10.54
C ALA A 166 2.07 -7.84 10.17
N GLY A 167 1.36 -8.46 11.08
CA GLY A 167 0.67 -9.72 10.82
C GLY A 167 0.41 -10.43 12.16
N VAL A 168 -0.20 -11.58 12.05
CA VAL A 168 -0.50 -12.40 13.24
C VAL A 168 0.29 -13.67 13.15
N SER A 169 0.78 -14.19 14.27
CA SER A 169 1.65 -15.35 14.23
C SER A 169 1.02 -16.56 13.58
N SER A 170 -0.27 -16.70 13.86
CA SER A 170 -1.10 -17.77 13.28
C SER A 170 -1.33 -17.67 11.79
N GLY A 171 -1.01 -16.50 11.22
CA GLY A 171 -1.45 -16.24 9.87
C GLY A 171 -2.93 -15.94 9.70
N GLY A 172 -3.35 -15.82 8.46
CA GLY A 172 -4.74 -15.68 8.13
C GLY A 172 -5.26 -14.26 7.93
N LYS A 173 -4.46 -13.25 8.22
CA LYS A 173 -4.81 -11.84 8.00
C LYS A 173 -3.60 -11.14 7.42
N ASP A 174 -3.70 -10.57 6.22
CA ASP A 174 -2.56 -9.98 5.57
C ASP A 174 -3.01 -9.26 4.31
N SER A 175 -2.07 -8.45 3.79
CA SER A 175 -2.13 -7.97 2.43
C SER A 175 -1.62 -9.09 1.49
N CYS A 176 -1.94 -8.94 0.22
N CYS A 176 -1.93 -8.97 0.22
CA CYS A 176 -1.52 -9.96 -0.76
CA CYS A 176 -1.67 -10.05 -0.75
C CYS A 176 -1.25 -9.33 -2.10
C CYS A 176 -1.58 -9.44 -2.14
N GLN A 177 -1.02 -10.16 -3.09
CA GLN A 177 -0.77 -9.68 -4.46
C GLN A 177 -1.96 -8.86 -4.92
N GLY A 178 -1.67 -7.74 -5.51
CA GLY A 178 -2.66 -6.76 -5.92
C GLY A 178 -2.92 -5.70 -4.91
N ASP A 179 -2.48 -5.89 -3.66
CA ASP A 179 -2.55 -4.88 -2.62
C ASP A 179 -1.32 -3.99 -2.58
N SER A 180 -0.24 -4.37 -3.27
CA SER A 180 1.00 -3.62 -3.24
C SER A 180 0.75 -2.14 -3.53
N GLY A 181 1.49 -1.34 -2.78
CA GLY A 181 1.42 0.07 -2.93
C GLY A 181 0.32 0.81 -2.18
N GLY A 182 -0.70 0.05 -1.80
CA GLY A 182 -1.81 0.63 -1.04
C GLY A 182 -1.43 0.87 0.39
N PRO A 183 -2.37 1.54 1.10
CA PRO A 183 -2.07 2.05 2.40
C PRO A 183 -2.20 1.05 3.54
N ILE A 184 -1.28 1.26 4.51
CA ILE A 184 -1.45 0.71 5.85
C ILE A 184 -1.44 1.94 6.77
N VAL A 185 -2.43 2.01 7.65
CA VAL A 185 -2.63 3.13 8.56
C VAL A 185 -2.53 2.65 10.00
N ASP A 186 -2.21 3.60 10.87
CA ASP A 186 -2.34 3.32 12.28
C ASP A 186 -3.80 3.44 12.71
N SER A 187 -4.04 3.26 14.02
CA SER A 187 -5.40 3.25 14.53
C SER A 187 -6.08 4.60 14.39
N SER A 188 -5.33 5.65 14.14
CA SER A 188 -5.89 6.98 13.91
C SER A 188 -6.17 7.29 12.45
N ASN A 189 -5.89 6.35 11.57
CA ASN A 189 -6.00 6.51 10.12
C ASN A 189 -4.89 7.37 9.51
N THR A 190 -3.81 7.61 10.25
CA THR A 190 -2.62 8.18 9.67
C THR A 190 -1.84 7.17 8.84
N LEU A 191 -1.37 7.57 7.68
CA LEU A 191 -0.66 6.66 6.76
C LEU A 191 0.73 6.34 7.28
N ILE A 192 0.95 5.07 7.63
CA ILE A 192 2.25 4.63 8.16
C ILE A 192 3.05 3.85 7.14
N GLY A 193 2.46 3.35 6.06
CA GLY A 193 3.29 2.58 5.12
C GLY A 193 2.52 2.33 3.86
N ALA A 194 3.24 1.66 2.94
CA ALA A 194 2.68 1.13 1.72
C ALA A 194 2.97 -0.39 1.68
N VAL A 195 1.98 -1.16 1.26
CA VAL A 195 2.15 -2.60 1.06
C VAL A 195 3.35 -2.85 0.13
N SER A 196 4.27 -3.71 0.59
CA SER A 196 5.50 -3.90 -0.16
C SER A 196 5.77 -5.36 -0.53
N TRP A 197 6.01 -6.26 0.40
CA TRP A 197 6.42 -7.62 0.03
C TRP A 197 6.19 -8.54 1.22
N GLY A 198 6.37 -9.83 0.96
CA GLY A 198 6.32 -10.84 2.03
C GLY A 198 6.44 -12.21 1.43
N ASN A 199 6.49 -13.23 2.15
CA ASN A 199 6.66 -14.61 1.85
C ASN A 199 5.27 -15.19 1.79
N GLY A 200 4.74 -15.27 0.56
CA GLY A 200 3.37 -15.64 0.39
C GLY A 200 2.45 -14.59 1.00
N CYS A 201 1.25 -15.01 1.39
CA CYS A 201 0.27 -14.10 1.98
C CYS A 201 -0.39 -14.83 3.15
N ALA A 202 -0.39 -14.14 4.28
CA ALA A 202 -1.11 -14.58 5.47
C ALA A 202 -0.58 -15.92 6.00
N ARG A 203 0.66 -16.22 5.74
CA ARG A 203 1.27 -17.42 6.28
C ARG A 203 1.61 -17.24 7.75
N PRO A 204 1.50 -18.32 8.53
CA PRO A 204 2.02 -18.29 9.91
C PRO A 204 3.49 -17.94 9.90
N ASN A 205 3.82 -17.06 10.83
CA ASN A 205 5.23 -16.72 11.05
C ASN A 205 6.00 -16.10 9.90
N TYR A 206 5.30 -15.46 8.97
CA TYR A 206 5.92 -14.61 7.95
C TYR A 206 5.03 -13.37 7.79
N SER A 207 5.47 -12.33 8.47
CA SER A 207 4.77 -11.06 8.50
C SER A 207 4.69 -10.45 7.10
N GLY A 208 3.65 -9.62 6.91
CA GLY A 208 3.71 -8.69 5.79
C GLY A 208 4.77 -7.63 6.03
N VAL A 209 5.43 -7.22 4.97
CA VAL A 209 6.47 -6.21 5.03
C VAL A 209 6.02 -4.96 4.27
N TYR A 210 6.19 -3.83 4.91
CA TYR A 210 5.67 -2.55 4.45
C TYR A 210 6.78 -1.54 4.33
N ALA A 211 6.71 -0.71 3.28
CA ALA A 211 7.61 0.42 3.15
C ALA A 211 7.18 1.47 4.17
N SER A 212 8.12 1.96 4.96
CA SER A 212 7.76 2.80 6.10
C SER A 212 7.70 4.29 5.77
N VAL A 213 6.54 4.89 5.85
CA VAL A 213 6.40 6.32 5.61
C VAL A 213 7.22 7.12 6.61
N GLY A 214 7.20 6.75 7.90
CA GLY A 214 7.97 7.48 8.88
C GLY A 214 9.42 7.51 8.54
N ALA A 215 9.94 6.41 7.98
CA ALA A 215 11.32 6.35 7.62
C ALA A 215 11.69 7.03 6.32
N LEU A 216 10.69 7.27 5.47
CA LEU A 216 10.92 7.70 4.06
C LEU A 216 10.34 9.08 3.81
N ARG A 217 10.10 9.83 4.86
CA ARG A 217 9.50 11.17 4.74
C ARG A 217 10.42 12.11 4.02
N SER A 218 11.74 12.00 4.05
CA SER A 218 12.49 13.02 3.31
C SER A 218 12.16 12.99 1.82
N PHE A 219 12.16 11.79 1.26
CA PHE A 219 11.81 11.61 -0.14
C PHE A 219 10.39 12.10 -0.43
N ILE A 220 9.45 11.62 0.40
CA ILE A 220 8.04 11.97 0.17
C ILE A 220 7.90 13.49 0.19
N ASP A 221 8.47 14.10 1.24
CA ASP A 221 8.21 15.54 1.40
C ASP A 221 8.87 16.35 0.30
N THR A 222 10.01 15.93 -0.17
CA THR A 222 10.75 16.67 -1.18
C THR A 222 9.97 16.67 -2.48
N TYR A 223 9.32 15.58 -2.84
CA TYR A 223 8.74 15.47 -4.17
C TYR A 223 7.21 15.52 -4.18
N ALA A 224 6.55 15.44 -3.06
CA ALA A 224 5.10 15.56 -3.07
C ALA A 224 4.65 16.95 -3.54
N GLY B 1 9.29 -5.11 -3.67
CA GLY B 1 8.96 -6.05 -4.74
C GLY B 1 8.12 -7.24 -4.30
N GLY B 2 6.97 -7.04 -4.20
CA GLY B 2 5.98 -7.86 -3.57
C GLY B 2 4.65 -8.14 -4.21
N ARG B 3 3.49 -6.89 -4.52
N ARG B 3 3.63 -7.46 -3.90
CA ARG B 3 2.69 -7.63 -3.55
CA ARG B 3 2.35 -7.95 -4.20
C ARG B 3 1.22 -7.23 -3.59
C ARG B 3 1.90 -6.80 -5.19
#